data_3RPZ
#
_entry.id   3RPZ
#
_cell.length_a   91.920
_cell.length_b   91.920
_cell.length_c   169.630
_cell.angle_alpha   90.000
_cell.angle_beta   90.000
_cell.angle_gamma   90.000
#
_symmetry.space_group_name_H-M   'I 4 2 2'
#
loop_
_entity.id
_entity.type
_entity.pdbx_description
1 polymer 'ADP/ATP-dependent NAD(P)H-hydrate dehydratase'
2 non-polymer 'MAGNESIUM ION'
3 non-polymer 'ADENOSINE MONOPHOSPHATE'
4 non-polymer 'BETA-6-HYDROXY-1,4,5,6-TETRAHYDRONICOTINAMIDE ADENINE DINUCLEOTIDE PHOSPHATE'
5 water water
#
_entity_poly.entity_id   1
_entity_poly.type   'polypeptide(L)'
_entity_poly.pdbx_seq_one_letter_code
;SNAMNVPFWTEEHVRATLPERDAESHKGTYGTALLLAGSDDMPGAALLAGLGAMRSGLGKLVIGTSENVIPLIVPVLPEA
TYWRDGWKKAADAQLEETYRAIAIGPGLPQTESVQQAVDHVLTADCPVILDAGALAKRTYPKREGPVILTPHPGEFFRMT
GVPVNELQKKRAEYAKEWAAQLQTVIVLKGNQTVIAFPDGDCWLNPTGNGALAKGGTGDTLTGMILGMLCCHEDPKHAVL
NAVYLHGACAELWTDEHSAHTLLAHELSDILPRVWKRFE
;
_entity_poly.pdbx_strand_id   A
#
# COMPACT_ATOMS: atom_id res chain seq x y z
N ALA A 3 -17.58 1.75 18.97
CA ALA A 3 -19.04 1.47 19.14
C ALA A 3 -19.47 0.17 18.45
N MET A 4 -18.84 -0.14 17.31
CA MET A 4 -19.16 -1.39 16.63
C MET A 4 -18.35 -2.56 17.23
N ASN A 5 -17.48 -2.28 18.22
CA ASN A 5 -16.55 -3.30 18.70
C ASN A 5 -15.78 -4.00 17.58
N VAL A 6 -15.08 -3.21 16.82
CA VAL A 6 -14.25 -3.74 15.75
C VAL A 6 -13.01 -4.33 16.43
N PRO A 7 -12.66 -5.59 16.10
CA PRO A 7 -11.52 -6.21 16.75
C PRO A 7 -10.20 -5.68 16.22
N PHE A 8 -9.17 -5.72 17.07
CA PHE A 8 -7.83 -5.42 16.64
C PHE A 8 -7.20 -6.63 15.95
N TRP A 9 -6.42 -6.35 14.92
CA TRP A 9 -5.53 -7.36 14.32
C TRP A 9 -4.31 -7.37 15.22
N THR A 10 -4.18 -8.43 16.00
CA THR A 10 -3.19 -8.50 17.07
C THR A 10 -1.94 -9.25 16.68
N GLU A 11 -0.94 -9.15 17.53
CA GLU A 11 0.30 -9.89 17.36
C GLU A 11 0.06 -11.39 17.10
N GLU A 12 -0.91 -11.96 17.78
CA GLU A 12 -1.24 -13.34 17.59
C GLU A 12 -1.72 -13.65 16.15
N HIS A 13 -2.53 -12.75 15.59
CA HIS A 13 -3.00 -12.90 14.24
C HIS A 13 -1.86 -12.74 13.24
N VAL A 14 -0.97 -11.81 13.49
CA VAL A 14 0.22 -11.58 12.64
C VAL A 14 1.09 -12.85 12.62
N ARG A 15 1.40 -13.35 13.81
CA ARG A 15 2.27 -14.52 13.92
C ARG A 15 1.66 -15.74 13.21
N ALA A 16 0.35 -15.90 13.31
CA ALA A 16 -0.35 -17.00 12.71
C ALA A 16 -0.46 -16.96 11.18
N THR A 17 -0.30 -15.77 10.60
CA THR A 17 -0.57 -15.58 9.18
C THR A 17 0.63 -15.13 8.32
N LEU A 18 1.76 -14.75 8.93
CA LEU A 18 2.93 -14.37 8.15
C LEU A 18 3.42 -15.61 7.41
N PRO A 19 3.85 -15.45 6.16
CA PRO A 19 4.24 -16.59 5.34
C PRO A 19 5.69 -17.07 5.63
N GLU A 20 5.95 -18.33 5.25
CA GLU A 20 7.33 -18.85 5.18
C GLU A 20 7.97 -18.50 3.88
N ARG A 21 9.29 -18.42 3.97
CA ARG A 21 10.04 -18.33 2.75
C ARG A 21 10.78 -19.62 2.45
N ASP A 22 10.20 -20.50 1.64
CA ASP A 22 10.72 -21.84 1.57
C ASP A 22 12.10 -21.93 0.96
N ALA A 23 12.88 -22.87 1.45
CA ALA A 23 14.17 -23.20 0.93
C ALA A 23 14.12 -23.52 -0.53
N GLU A 24 13.04 -24.12 -1.00
CA GLU A 24 12.93 -24.51 -2.40
C GLU A 24 11.99 -23.49 -3.03
N SER A 25 12.45 -22.25 -3.08
CA SER A 25 11.77 -21.14 -3.79
C SER A 25 12.84 -20.38 -4.56
N HIS A 26 12.37 -19.63 -5.55
CA HIS A 26 13.18 -18.67 -6.28
C HIS A 26 12.41 -17.39 -6.43
N LYS A 27 13.00 -16.35 -7.02
CA LYS A 27 12.29 -15.08 -7.06
C LYS A 27 10.93 -15.17 -7.75
N GLY A 28 10.82 -15.97 -8.81
CA GLY A 28 9.54 -16.15 -9.44
C GLY A 28 8.45 -16.67 -8.57
N THR A 29 8.80 -17.48 -7.57
CA THR A 29 7.83 -17.97 -6.59
C THR A 29 7.06 -16.83 -5.95
N TYR A 30 7.78 -15.75 -5.68
CA TYR A 30 7.22 -14.58 -5.00
C TYR A 30 6.72 -13.47 -5.91
N GLY A 31 6.78 -13.70 -7.21
CA GLY A 31 6.16 -12.82 -8.19
C GLY A 31 6.89 -11.54 -8.50
N THR A 32 6.46 -10.92 -9.58
CA THR A 32 6.89 -9.59 -10.02
C THR A 32 5.77 -8.62 -9.77
N ALA A 33 6.03 -7.60 -8.98
CA ALA A 33 5.10 -6.51 -8.69
C ALA A 33 5.37 -5.32 -9.58
N LEU A 34 4.34 -4.55 -9.89
CA LEU A 34 4.46 -3.27 -10.58
C LEU A 34 4.07 -2.14 -9.65
N LEU A 35 4.91 -1.13 -9.58
CA LEU A 35 4.67 0.09 -8.82
C LEU A 35 4.65 1.27 -9.80
N LEU A 36 3.50 1.96 -9.83
CA LEU A 36 3.27 3.12 -10.68
C LEU A 36 3.23 4.33 -9.77
N ALA A 37 4.34 5.08 -9.72
CA ALA A 37 4.52 6.08 -8.67
C ALA A 37 5.61 7.05 -9.07
N GLY A 38 5.60 8.23 -8.42
CA GLY A 38 6.67 9.21 -8.61
C GLY A 38 6.48 10.13 -9.78
N SER A 39 6.67 11.42 -9.57
CA SER A 39 6.55 12.40 -10.63
C SER A 39 7.62 13.46 -10.43
N ASP A 40 7.75 14.39 -11.35
CA ASP A 40 8.89 15.27 -11.32
C ASP A 40 9.05 16.06 -10.04
N ASP A 41 7.98 16.58 -9.46
CA ASP A 41 8.13 17.35 -8.23
C ASP A 41 7.84 16.56 -6.94
N MET A 42 7.44 15.31 -7.12
CA MET A 42 7.26 14.33 -6.02
C MET A 42 7.92 13.00 -6.39
N PRO A 43 9.24 13.03 -6.63
CA PRO A 43 9.91 11.80 -7.01
C PRO A 43 10.09 10.84 -5.88
N GLY A 44 10.30 11.38 -4.67
CA GLY A 44 10.69 10.53 -3.55
C GLY A 44 9.66 9.49 -3.16
N ALA A 45 8.39 9.78 -3.37
CA ALA A 45 7.35 8.78 -3.09
C ALA A 45 7.60 7.47 -3.80
N ALA A 46 8.20 7.52 -5.00
CA ALA A 46 8.50 6.29 -5.68
C ALA A 46 9.58 5.48 -5.02
N LEU A 47 10.62 6.15 -4.54
CA LEU A 47 11.68 5.49 -3.78
C LEU A 47 11.13 4.91 -2.48
N LEU A 48 10.29 5.69 -1.79
CA LEU A 48 9.72 5.24 -0.55
C LEU A 48 8.87 4.00 -0.71
N ALA A 49 7.97 4.03 -1.72
CA ALA A 49 7.12 2.89 -1.96
C ALA A 49 7.92 1.72 -2.52
N GLY A 50 8.93 2.00 -3.34
CA GLY A 50 9.76 0.91 -3.88
C GLY A 50 10.52 0.18 -2.82
N LEU A 51 11.13 0.90 -1.90
CA LEU A 51 11.82 0.29 -0.74
C LEU A 51 10.84 -0.49 0.10
N GLY A 52 9.65 0.07 0.39
CA GLY A 52 8.67 -0.70 1.15
C GLY A 52 8.30 -1.99 0.48
N ALA A 53 8.14 -1.98 -0.83
CA ALA A 53 7.74 -3.15 -1.59
C ALA A 53 8.86 -4.22 -1.59
N MET A 54 10.07 -3.81 -1.95
CA MET A 54 11.12 -4.80 -2.07
C MET A 54 11.51 -5.37 -0.73
N ARG A 55 11.35 -4.60 0.35
CA ARG A 55 11.56 -5.12 1.70
C ARG A 55 10.50 -6.10 2.12
N SER A 56 9.35 -6.15 1.46
CA SER A 56 8.18 -6.86 1.93
C SER A 56 7.88 -8.16 1.25
N GLY A 57 8.90 -8.84 0.73
CA GLY A 57 8.78 -10.24 0.39
C GLY A 57 8.37 -10.61 -1.04
N LEU A 58 8.33 -9.63 -1.94
CA LEU A 58 8.13 -9.90 -3.37
C LEU A 58 9.35 -10.63 -3.96
N GLY A 59 9.21 -11.03 -5.23
CA GLY A 59 10.32 -11.57 -5.97
C GLY A 59 11.06 -10.54 -6.76
N LYS A 60 10.36 -9.81 -7.62
CA LYS A 60 10.92 -8.74 -8.41
C LYS A 60 10.02 -7.54 -8.32
N LEU A 61 10.58 -6.35 -8.57
CA LEU A 61 9.78 -5.13 -8.66
C LEU A 61 10.14 -4.37 -9.91
N VAL A 62 9.12 -4.03 -10.70
CA VAL A 62 9.22 -3.11 -11.81
C VAL A 62 8.61 -1.78 -11.38
N ILE A 63 9.34 -0.68 -11.52
CA ILE A 63 8.82 0.65 -11.18
C ILE A 63 8.54 1.37 -12.48
N GLY A 64 7.27 1.72 -12.69
CA GLY A 64 6.85 2.51 -13.85
C GLY A 64 6.77 3.97 -13.41
N THR A 65 7.79 4.73 -13.73
CA THR A 65 7.89 6.14 -13.33
C THR A 65 8.51 6.90 -14.47
N SER A 66 8.47 8.24 -14.27
CA SER A 66 8.97 9.17 -15.22
C SER A 66 10.47 8.99 -15.43
N GLU A 67 11.02 9.27 -16.61
CA GLU A 67 12.44 9.19 -16.88
C GLU A 67 13.27 9.94 -15.91
N ASN A 68 12.83 11.10 -15.45
CA ASN A 68 13.63 11.90 -14.55
C ASN A 68 13.69 11.34 -13.15
N VAL A 69 12.76 10.45 -12.77
CA VAL A 69 12.67 9.87 -11.45
C VAL A 69 13.56 8.64 -11.32
N ILE A 70 13.65 7.84 -12.38
CA ILE A 70 14.43 6.62 -12.38
C ILE A 70 15.81 6.79 -11.74
N PRO A 71 16.64 7.76 -12.22
CA PRO A 71 17.99 7.84 -11.69
C PRO A 71 18.09 8.14 -10.19
N LEU A 72 17.01 8.68 -9.60
CA LEU A 72 16.99 9.03 -8.21
C LEU A 72 16.71 7.86 -7.32
N ILE A 73 16.17 6.78 -7.87
CA ILE A 73 15.87 5.55 -7.17
C ILE A 73 17.04 4.57 -7.15
N VAL A 74 17.66 4.42 -8.31
CA VAL A 74 18.65 3.37 -8.55
C VAL A 74 19.74 3.24 -7.47
N PRO A 75 20.42 4.33 -7.06
CA PRO A 75 21.53 4.15 -6.14
C PRO A 75 21.11 3.63 -4.79
N VAL A 76 19.85 3.89 -4.39
CA VAL A 76 19.34 3.48 -3.08
C VAL A 76 18.64 2.13 -3.13
N LEU A 77 17.96 1.84 -4.26
CA LEU A 77 17.22 0.62 -4.47
C LEU A 77 17.67 0.04 -5.83
N PRO A 78 18.89 -0.46 -5.89
CA PRO A 78 19.38 -0.97 -7.17
C PRO A 78 18.69 -2.25 -7.61
N GLU A 79 17.90 -2.88 -6.74
CA GLU A 79 17.29 -4.15 -7.03
C GLU A 79 16.07 -4.06 -7.93
N ALA A 80 15.47 -2.89 -8.07
CA ALA A 80 14.33 -2.68 -8.91
C ALA A 80 14.73 -2.45 -10.34
N THR A 81 13.86 -2.84 -11.29
CA THR A 81 13.99 -2.49 -12.69
C THR A 81 12.84 -1.55 -13.08
N TYR A 82 12.84 -1.09 -14.33
CA TYR A 82 11.98 0.05 -14.71
C TYR A 82 11.16 -0.21 -15.96
N TRP A 83 9.98 0.38 -15.93
CA TRP A 83 9.13 0.55 -17.10
C TRP A 83 9.12 2.06 -17.32
N ARG A 84 9.91 2.51 -18.29
CA ARG A 84 10.20 3.89 -18.49
C ARG A 84 8.90 4.65 -18.85
N ASP A 85 8.62 5.72 -18.09
CA ASP A 85 7.35 6.48 -18.21
CA ASP A 85 7.37 6.49 -18.25
C ASP A 85 6.16 5.56 -18.10
N GLY A 86 6.26 4.52 -17.25
CA GLY A 86 5.26 3.53 -17.20
C GLY A 86 3.85 3.97 -16.78
N TRP A 87 3.76 4.91 -15.81
CA TRP A 87 2.42 5.33 -15.36
C TRP A 87 1.73 6.15 -16.43
N LYS A 88 2.49 6.87 -17.26
CA LYS A 88 1.91 7.56 -18.40
C LYS A 88 1.54 6.53 -19.45
N LYS A 89 2.41 5.58 -19.78
CA LYS A 89 2.08 4.56 -20.75
C LYS A 89 0.89 3.70 -20.44
N ALA A 90 0.67 3.48 -19.13
CA ALA A 90 -0.45 2.70 -18.68
C ALA A 90 -1.78 3.33 -19.00
N ALA A 91 -1.78 4.64 -19.23
CA ALA A 91 -3.00 5.31 -19.66
C ALA A 91 -3.47 4.88 -21.07
N ASP A 92 -2.58 4.32 -21.86
CA ASP A 92 -2.87 3.98 -23.26
C ASP A 92 -3.31 2.57 -23.60
N ALA A 93 -3.04 1.60 -22.75
CA ALA A 93 -3.36 0.25 -23.12
C ALA A 93 -3.31 -0.65 -21.93
N GLN A 94 -4.04 -1.75 -22.02
CA GLN A 94 -3.91 -2.86 -21.09
C GLN A 94 -2.45 -3.24 -21.01
N LEU A 95 -2.05 -3.69 -19.82
CA LEU A 95 -0.72 -4.19 -19.60
C LEU A 95 -0.56 -5.52 -20.30
N GLU A 96 0.53 -5.65 -21.04
CA GLU A 96 0.84 -6.90 -21.73
CA GLU A 96 0.83 -6.89 -21.73
C GLU A 96 1.64 -7.84 -20.83
N GLU A 97 2.25 -7.30 -19.79
CA GLU A 97 3.04 -8.08 -18.85
C GLU A 97 2.11 -8.58 -17.74
N THR A 98 2.46 -9.73 -17.16
CA THR A 98 1.71 -10.31 -16.02
C THR A 98 2.42 -9.91 -14.75
N TYR A 99 1.65 -9.33 -13.83
CA TYR A 99 2.18 -8.97 -12.53
C TYR A 99 1.42 -9.72 -11.42
N ARG A 100 2.11 -10.01 -10.34
CA ARG A 100 1.52 -10.61 -9.15
C ARG A 100 0.57 -9.66 -8.40
N ALA A 101 0.90 -8.38 -8.42
CA ALA A 101 0.16 -7.32 -7.74
C ALA A 101 0.63 -6.00 -8.34
N ILE A 102 -0.19 -4.97 -8.28
CA ILE A 102 0.12 -3.65 -8.85
C ILE A 102 -0.29 -2.59 -7.83
N ALA A 103 0.52 -1.56 -7.64
CA ALA A 103 0.13 -0.37 -6.91
C ALA A 103 0.28 0.84 -7.77
N ILE A 104 -0.64 1.79 -7.64
CA ILE A 104 -0.61 3.04 -8.39
C ILE A 104 -0.95 4.20 -7.47
N GLY A 105 -0.22 5.32 -7.57
CA GLY A 105 -0.65 6.58 -7.01
C GLY A 105 0.33 7.43 -6.25
N PRO A 106 1.23 6.80 -5.42
CA PRO A 106 2.11 7.66 -4.61
C PRO A 106 2.90 8.65 -5.44
N GLY A 107 2.83 9.93 -5.10
CA GLY A 107 3.54 10.96 -5.88
C GLY A 107 3.08 11.20 -7.28
N LEU A 108 1.88 10.72 -7.62
CA LEU A 108 1.29 10.98 -8.92
C LEU A 108 0.31 12.12 -8.79
N PRO A 109 0.27 13.03 -9.78
CA PRO A 109 -0.74 14.08 -9.76
C PRO A 109 -2.14 13.48 -9.87
N GLN A 110 -3.11 14.13 -9.26
CA GLN A 110 -4.47 13.61 -9.19
C GLN A 110 -5.21 14.05 -10.43
N THR A 111 -4.95 13.34 -11.54
CA THR A 111 -5.43 13.73 -12.84
C THR A 111 -6.27 12.65 -13.52
N GLU A 112 -6.96 13.05 -14.59
CA GLU A 112 -7.76 12.12 -15.40
C GLU A 112 -6.84 11.13 -16.11
N SER A 113 -5.62 11.54 -16.47
CA SER A 113 -4.71 10.56 -17.08
C SER A 113 -4.36 9.44 -16.10
N VAL A 114 -4.14 9.79 -14.83
CA VAL A 114 -3.93 8.75 -13.83
C VAL A 114 -5.12 7.84 -13.70
N GLN A 115 -6.35 8.40 -13.76
CA GLN A 115 -7.50 7.53 -13.78
C GLN A 115 -7.61 6.61 -14.97
N GLN A 116 -7.16 7.06 -16.12
CA GLN A 116 -7.07 6.19 -17.28
C GLN A 116 -6.14 5.05 -17.05
N ALA A 117 -5.00 5.33 -16.44
CA ALA A 117 -4.05 4.26 -16.06
C ALA A 117 -4.70 3.26 -15.07
N VAL A 118 -5.43 3.79 -14.09
CA VAL A 118 -6.15 2.92 -13.13
C VAL A 118 -7.11 1.99 -13.88
N ASP A 119 -7.87 2.56 -14.84
CA ASP A 119 -8.82 1.75 -15.56
C ASP A 119 -8.13 0.62 -16.33
N HIS A 120 -6.99 0.90 -16.95
CA HIS A 120 -6.25 -0.15 -17.62
C HIS A 120 -5.68 -1.21 -16.68
N VAL A 121 -5.10 -0.78 -15.58
CA VAL A 121 -4.53 -1.74 -14.61
C VAL A 121 -5.61 -2.65 -14.03
N LEU A 122 -6.81 -2.15 -13.89
CA LEU A 122 -7.88 -2.98 -13.32
C LEU A 122 -8.33 -4.11 -14.25
N THR A 123 -7.95 -4.09 -15.52
CA THR A 123 -8.28 -5.20 -16.38
C THR A 123 -7.29 -6.37 -16.17
N ALA A 124 -6.19 -6.14 -15.45
CA ALA A 124 -5.26 -7.23 -15.05
C ALA A 124 -5.97 -8.15 -14.05
N ASP A 125 -5.49 -9.39 -13.95
CA ASP A 125 -6.02 -10.33 -12.97
CA ASP A 125 -5.99 -10.33 -12.99
C ASP A 125 -5.00 -10.41 -11.84
N CYS A 126 -5.06 -9.42 -10.97
CA CYS A 126 -4.22 -9.42 -9.78
C CYS A 126 -4.79 -8.37 -8.81
N PRO A 127 -4.43 -8.47 -7.54
CA PRO A 127 -4.74 -7.40 -6.59
C PRO A 127 -4.13 -6.08 -7.07
N VAL A 128 -4.85 -5.01 -6.81
CA VAL A 128 -4.44 -3.65 -7.19
C VAL A 128 -4.65 -2.75 -6.00
N ILE A 129 -3.64 -1.96 -5.67
CA ILE A 129 -3.71 -0.94 -4.65
C ILE A 129 -3.75 0.44 -5.28
N LEU A 130 -4.71 1.25 -4.86
CA LEU A 130 -4.83 2.63 -5.29
C LEU A 130 -4.60 3.52 -4.08
N ASP A 131 -3.70 4.49 -4.24
CA ASP A 131 -3.32 5.41 -3.19
C ASP A 131 -3.17 6.81 -3.76
N ALA A 132 -3.24 7.79 -2.88
CA ALA A 132 -2.71 9.13 -3.21
C ALA A 132 -3.33 9.71 -4.49
N GLY A 133 -2.53 10.04 -5.50
CA GLY A 133 -3.06 10.64 -6.71
C GLY A 133 -3.98 9.78 -7.53
N ALA A 134 -4.01 8.47 -7.26
CA ALA A 134 -4.96 7.54 -7.90
C ALA A 134 -6.28 7.44 -7.18
N LEU A 135 -6.45 8.08 -6.02
CA LEU A 135 -7.72 8.09 -5.32
C LEU A 135 -8.61 9.26 -5.81
N ALA A 136 -9.81 8.92 -6.24
CA ALA A 136 -10.80 9.85 -6.74
C ALA A 136 -12.18 9.34 -6.40
N LYS A 137 -13.18 10.20 -6.60
CA LYS A 137 -14.59 9.78 -6.49
C LYS A 137 -14.94 9.02 -7.73
N ARG A 138 -15.20 7.73 -7.57
CA ARG A 138 -15.45 6.86 -8.72
C ARG A 138 -16.05 5.54 -8.26
N THR A 139 -16.42 4.71 -9.22
CA THR A 139 -16.82 3.33 -8.94
C THR A 139 -15.82 2.40 -9.62
N TYR A 140 -15.95 1.10 -9.31
CA TYR A 140 -14.97 0.10 -9.68
C TYR A 140 -15.64 -1.05 -10.39
N PRO A 141 -15.00 -1.59 -11.43
CA PRO A 141 -15.62 -2.66 -12.20
C PRO A 141 -15.56 -4.00 -11.47
N LYS A 142 -16.51 -4.89 -11.73
CA LYS A 142 -16.42 -6.23 -11.19
C LYS A 142 -15.19 -6.88 -11.81
N ARG A 143 -14.36 -7.50 -10.95
CA ARG A 143 -13.14 -8.18 -11.38
C ARG A 143 -12.83 -9.23 -10.29
N GLU A 144 -11.90 -10.14 -10.55
CA GLU A 144 -11.66 -11.18 -9.54
CA GLU A 144 -11.55 -11.22 -9.59
C GLU A 144 -10.73 -10.69 -8.41
N GLY A 145 -9.68 -9.97 -8.75
CA GLY A 145 -8.70 -9.57 -7.78
C GLY A 145 -9.20 -8.41 -6.93
N PRO A 146 -8.75 -8.36 -5.67
CA PRO A 146 -9.21 -7.27 -4.82
C PRO A 146 -8.68 -5.91 -5.27
N VAL A 147 -9.43 -4.87 -4.98
CA VAL A 147 -9.01 -3.49 -5.15
C VAL A 147 -8.85 -2.95 -3.75
N ILE A 148 -7.70 -2.39 -3.42
CA ILE A 148 -7.38 -1.93 -2.08
C ILE A 148 -7.09 -0.44 -2.12
N LEU A 149 -7.97 0.37 -1.51
CA LEU A 149 -7.82 1.80 -1.45
C LEU A 149 -7.20 2.17 -0.13
N THR A 150 -6.23 3.10 -0.14
CA THR A 150 -5.53 3.46 1.08
C THR A 150 -5.59 4.95 1.45
N PRO A 151 -6.80 5.51 1.56
CA PRO A 151 -6.94 6.91 1.91
C PRO A 151 -6.60 7.26 3.35
N HIS A 152 -5.97 8.41 3.51
CA HIS A 152 -6.10 9.12 4.78
C HIS A 152 -7.44 9.85 4.80
N PRO A 153 -7.84 10.44 5.92
CA PRO A 153 -9.17 11.04 5.99
C PRO A 153 -9.46 12.13 4.92
N GLY A 154 -8.45 12.91 4.50
CA GLY A 154 -8.62 13.88 3.45
C GLY A 154 -8.97 13.22 2.13
N GLU A 155 -8.29 12.13 1.82
CA GLU A 155 -8.54 11.38 0.60
C GLU A 155 -9.91 10.72 0.67
N PHE A 156 -10.31 10.27 1.85
CA PHE A 156 -11.62 9.67 2.00
C PHE A 156 -12.73 10.69 1.73
N PHE A 157 -12.52 11.93 2.17
CA PHE A 157 -13.45 13.02 1.84
C PHE A 157 -13.51 13.24 0.33
N ARG A 158 -12.38 13.21 -0.33
CA ARG A 158 -12.38 13.36 -1.77
C ARG A 158 -13.15 12.22 -2.46
N MET A 159 -13.00 11.01 -1.96
CA MET A 159 -13.64 9.81 -2.52
C MET A 159 -15.15 9.78 -2.33
N THR A 160 -15.62 10.31 -1.21
CA THR A 160 -16.97 10.06 -0.70
C THR A 160 -17.85 11.29 -0.47
N GLY A 161 -17.25 12.45 -0.31
CA GLY A 161 -17.98 13.65 0.17
C GLY A 161 -18.27 13.71 1.66
N VAL A 162 -17.87 12.69 2.42
CA VAL A 162 -18.04 12.72 3.87
C VAL A 162 -17.01 13.68 4.45
N PRO A 163 -17.42 14.81 5.05
CA PRO A 163 -16.42 15.71 5.61
C PRO A 163 -15.53 15.07 6.68
N VAL A 164 -14.27 15.51 6.74
CA VAL A 164 -13.29 14.95 7.63
C VAL A 164 -13.76 15.01 9.07
N ASN A 165 -14.30 16.14 9.51
CA ASN A 165 -14.73 16.25 10.89
C ASN A 165 -15.82 15.23 11.26
N GLU A 166 -16.71 14.90 10.31
CA GLU A 166 -17.73 13.89 10.51
CA GLU A 166 -17.74 13.88 10.54
C GLU A 166 -17.16 12.48 10.46
N LEU A 167 -16.33 12.26 9.46
CA LEU A 167 -15.68 10.97 9.31
C LEU A 167 -14.98 10.54 10.56
N GLN A 168 -14.22 11.48 11.16
CA GLN A 168 -13.34 11.14 12.26
C GLN A 168 -14.09 10.77 13.54
N LYS A 169 -15.38 11.08 13.59
CA LYS A 169 -16.22 10.68 14.71
C LYS A 169 -16.74 9.23 14.64
N LYS A 170 -16.74 8.65 13.45
CA LYS A 170 -17.37 7.36 13.16
C LYS A 170 -16.52 6.64 12.08
N ARG A 171 -15.22 6.51 12.37
CA ARG A 171 -14.29 6.03 11.30
C ARG A 171 -14.64 4.68 10.77
N ALA A 172 -14.81 3.71 11.66
CA ALA A 172 -15.09 2.34 11.23
C ALA A 172 -16.43 2.21 10.55
N GLU A 173 -17.41 2.93 11.01
CA GLU A 173 -18.74 2.91 10.40
C GLU A 173 -18.67 3.39 8.96
N TYR A 174 -18.02 4.51 8.71
CA TYR A 174 -17.88 5.04 7.36
C TYR A 174 -17.03 4.14 6.51
N ALA A 175 -15.91 3.66 7.04
CA ALA A 175 -15.05 2.83 6.24
C ALA A 175 -15.76 1.56 5.80
N LYS A 176 -16.50 0.93 6.72
CA LYS A 176 -17.25 -0.28 6.41
C LYS A 176 -18.34 0.02 5.39
N GLU A 177 -19.05 1.12 5.58
CA GLU A 177 -20.15 1.44 4.67
C GLU A 177 -19.63 1.61 3.23
N TRP A 178 -18.51 2.33 3.08
CA TRP A 178 -17.99 2.62 1.78
C TRP A 178 -17.25 1.46 1.16
N ALA A 179 -16.61 0.60 1.97
CA ALA A 179 -16.04 -0.62 1.43
C ALA A 179 -17.11 -1.50 0.83
N ALA A 180 -18.24 -1.59 1.52
CA ALA A 180 -19.40 -2.31 1.00
C ALA A 180 -19.98 -1.69 -0.28
N GLN A 181 -20.19 -0.37 -0.28
CA GLN A 181 -20.75 0.30 -1.42
C GLN A 181 -19.89 0.23 -2.65
N LEU A 182 -18.59 0.39 -2.48
CA LEU A 182 -17.65 0.38 -3.60
C LEU A 182 -17.19 -1.02 -3.97
N GLN A 183 -17.36 -1.97 -3.06
CA GLN A 183 -16.81 -3.32 -3.17
C GLN A 183 -15.29 -3.29 -3.36
N THR A 184 -14.66 -2.49 -2.52
CA THR A 184 -13.21 -2.44 -2.42
C THR A 184 -12.80 -2.60 -0.98
N VAL A 185 -11.55 -3.02 -0.76
CA VAL A 185 -10.94 -2.91 0.56
C VAL A 185 -10.71 -1.42 0.80
N ILE A 186 -10.92 -0.94 2.03
CA ILE A 186 -10.53 0.43 2.40
C ILE A 186 -9.67 0.37 3.63
N VAL A 187 -8.43 0.85 3.52
CA VAL A 187 -7.51 1.05 4.60
C VAL A 187 -7.60 2.53 4.93
N LEU A 188 -8.43 2.87 5.91
CA LEU A 188 -8.65 4.25 6.30
C LEU A 188 -7.63 4.60 7.36
N LYS A 189 -6.65 5.37 6.96
CA LYS A 189 -5.49 5.62 7.79
C LYS A 189 -5.78 6.61 8.92
N GLY A 190 -4.81 6.64 9.83
CA GLY A 190 -4.89 7.40 11.06
C GLY A 190 -4.47 6.57 12.24
N ASN A 191 -4.35 7.18 13.41
CA ASN A 191 -4.28 6.42 14.62
C ASN A 191 -5.50 5.45 14.54
N GLN A 192 -5.27 4.25 14.94
CA GLN A 192 -6.20 3.14 14.83
C GLN A 192 -6.75 3.03 13.43
N THR A 193 -5.85 2.78 12.49
CA THR A 193 -6.22 2.57 11.11
C THR A 193 -7.33 1.51 11.03
N VAL A 194 -8.32 1.77 10.21
CA VAL A 194 -9.41 0.81 9.95
C VAL A 194 -9.12 0.04 8.69
N ILE A 195 -9.17 -1.28 8.73
CA ILE A 195 -9.07 -2.11 7.53
C ILE A 195 -10.42 -2.75 7.30
N ALA A 196 -11.17 -2.21 6.33
CA ALA A 196 -12.52 -2.64 6.02
C ALA A 196 -12.57 -3.39 4.71
N PHE A 197 -13.10 -4.62 4.74
CA PHE A 197 -13.19 -5.48 3.57
C PHE A 197 -14.62 -5.43 3.02
N PRO A 198 -14.73 -5.62 1.69
CA PRO A 198 -16.05 -5.44 1.07
C PRO A 198 -16.99 -6.57 1.41
N ASP A 199 -16.51 -7.68 2.01
CA ASP A 199 -17.36 -8.74 2.49
C ASP A 199 -17.87 -8.53 3.91
N GLY A 200 -17.59 -7.37 4.48
CA GLY A 200 -18.01 -7.00 5.80
C GLY A 200 -17.04 -7.20 6.97
N ASP A 201 -15.97 -7.95 6.72
CA ASP A 201 -14.95 -8.11 7.76
C ASP A 201 -14.34 -6.74 7.99
N CYS A 202 -13.99 -6.43 9.23
CA CYS A 202 -13.32 -5.17 9.53
C CYS A 202 -12.47 -5.34 10.78
N TRP A 203 -11.31 -4.68 10.74
CA TRP A 203 -10.33 -4.72 11.83
C TRP A 203 -9.80 -3.33 12.09
N LEU A 204 -9.27 -3.14 13.30
CA LEU A 204 -8.50 -1.95 13.67
C LEU A 204 -7.06 -2.35 13.83
N ASN A 205 -6.16 -1.45 13.47
CA ASN A 205 -4.75 -1.68 13.66
C ASN A 205 -4.27 -1.10 14.99
N PRO A 206 -3.61 -1.92 15.84
CA PRO A 206 -3.21 -1.43 17.15
C PRO A 206 -1.82 -0.80 17.25
N THR A 207 -1.09 -0.77 16.16
CA THR A 207 0.28 -0.30 16.17
C THR A 207 0.46 1.07 15.54
N GLY A 208 1.59 1.69 15.85
CA GLY A 208 1.97 2.97 15.37
C GLY A 208 1.86 4.10 16.34
N ASN A 209 2.48 5.23 16.03
CA ASN A 209 2.49 6.39 16.90
C ASN A 209 2.75 7.65 16.10
N GLY A 210 2.87 8.80 16.75
CA GLY A 210 3.02 10.05 16.03
C GLY A 210 4.33 10.19 15.26
N ALA A 211 5.26 9.27 15.42
CA ALA A 211 6.44 9.26 14.54
C ALA A 211 6.04 9.13 13.10
N LEU A 212 4.90 8.50 12.85
CA LEU A 212 4.38 8.31 11.49
C LEU A 212 3.72 9.54 10.90
N ALA A 213 3.50 10.56 11.71
CA ALA A 213 2.79 11.79 11.28
C ALA A 213 3.73 12.77 10.56
N LYS A 214 4.23 12.27 9.41
CA LYS A 214 5.25 13.02 8.63
C LYS A 214 5.20 12.52 7.21
N GLY A 215 5.48 13.42 6.28
CA GLY A 215 5.46 13.10 4.86
C GLY A 215 6.23 11.84 4.51
N GLY A 216 5.58 11.03 3.66
CA GLY A 216 6.18 9.86 3.11
C GLY A 216 5.76 8.56 3.72
N THR A 217 5.29 8.60 4.97
CA THR A 217 5.03 7.33 5.62
C THR A 217 3.91 6.53 4.96
N GLY A 218 2.90 7.18 4.39
CA GLY A 218 1.87 6.47 3.68
C GLY A 218 2.34 5.93 2.34
N ASP A 219 3.33 6.61 1.76
CA ASP A 219 3.95 6.12 0.52
C ASP A 219 4.68 4.82 0.79
N THR A 220 5.49 4.77 1.87
CA THR A 220 6.11 3.54 2.31
C THR A 220 5.05 2.41 2.51
N LEU A 221 3.96 2.73 3.22
CA LEU A 221 2.92 1.75 3.49
C LEU A 221 2.39 1.14 2.19
N THR A 222 2.11 1.95 1.17
CA THR A 222 1.60 1.41 -0.08
C THR A 222 2.54 0.36 -0.64
N GLY A 223 3.83 0.65 -0.58
CA GLY A 223 4.82 -0.34 -0.99
C GLY A 223 4.83 -1.60 -0.16
N MET A 224 4.75 -1.45 1.15
CA MET A 224 4.70 -2.62 2.01
C MET A 224 3.49 -3.54 1.68
N ILE A 225 2.32 -2.93 1.46
CA ILE A 225 1.15 -3.72 1.06
C ILE A 225 1.43 -4.45 -0.27
N LEU A 226 2.03 -3.76 -1.23
CA LEU A 226 2.33 -4.32 -2.52
C LEU A 226 3.21 -5.57 -2.39
N GLY A 227 4.30 -5.46 -1.65
CA GLY A 227 5.16 -6.61 -1.45
C GLY A 227 4.47 -7.73 -0.69
N MET A 228 3.73 -7.39 0.38
CA MET A 228 3.09 -8.45 1.15
C MET A 228 2.04 -9.22 0.36
N LEU A 229 1.40 -8.55 -0.58
CA LEU A 229 0.44 -9.24 -1.48
C LEU A 229 1.11 -10.32 -2.30
N CYS A 230 2.41 -10.16 -2.55
CA CYS A 230 3.16 -11.12 -3.35
C CYS A 230 3.57 -12.35 -2.59
N CYS A 231 3.70 -12.29 -1.27
CA CYS A 231 4.20 -13.43 -0.49
C CYS A 231 3.15 -14.07 0.41
N HIS A 232 2.01 -13.41 0.60
CA HIS A 232 0.91 -14.01 1.36
C HIS A 232 -0.06 -14.73 0.42
N GLU A 233 -0.50 -15.91 0.76
CA GLU A 233 -1.54 -16.56 0.00
C GLU A 233 -2.89 -15.82 0.06
N ASP A 234 -3.22 -15.31 1.23
CA ASP A 234 -4.49 -14.62 1.44
C ASP A 234 -4.23 -13.10 1.39
N PRO A 235 -4.79 -12.41 0.40
CA PRO A 235 -4.52 -10.96 0.29
C PRO A 235 -5.04 -10.18 1.49
N LYS A 236 -6.05 -10.68 2.18
CA LYS A 236 -6.53 -10.01 3.40
C LYS A 236 -5.41 -9.91 4.44
N HIS A 237 -4.71 -11.03 4.63
CA HIS A 237 -3.61 -11.06 5.59
C HIS A 237 -2.48 -10.18 5.19
N ALA A 238 -2.21 -10.12 3.88
CA ALA A 238 -1.18 -9.23 3.39
C ALA A 238 -1.44 -7.77 3.79
N VAL A 239 -2.68 -7.29 3.59
CA VAL A 239 -3.04 -5.92 3.93
C VAL A 239 -2.92 -5.70 5.44
N LEU A 240 -3.49 -6.62 6.20
CA LEU A 240 -3.50 -6.48 7.67
C LEU A 240 -2.09 -6.53 8.27
N ASN A 241 -1.26 -7.44 7.76
CA ASN A 241 0.12 -7.53 8.25
C ASN A 241 0.96 -6.36 7.82
N ALA A 242 0.72 -5.78 6.65
CA ALA A 242 1.47 -4.63 6.23
C ALA A 242 1.18 -3.46 7.12
N VAL A 243 -0.12 -3.19 7.36
CA VAL A 243 -0.51 -2.06 8.20
C VAL A 243 0.05 -2.26 9.63
N TYR A 244 -0.02 -3.47 10.13
CA TYR A 244 0.48 -3.78 11.48
C TYR A 244 1.98 -3.58 11.59
N LEU A 245 2.72 -4.19 10.69
CA LEU A 245 4.18 -4.10 10.76
C LEU A 245 4.68 -2.69 10.52
N HIS A 246 4.02 -1.95 9.62
CA HIS A 246 4.34 -0.52 9.39
C HIS A 246 4.29 0.24 10.70
N GLY A 247 3.22 0.05 11.47
CA GLY A 247 3.11 0.71 12.76
C GLY A 247 4.13 0.19 13.76
N ALA A 248 4.38 -1.12 13.77
CA ALA A 248 5.36 -1.72 14.68
C ALA A 248 6.75 -1.16 14.46
N CYS A 249 7.09 -0.82 13.22
CA CYS A 249 8.39 -0.23 12.93
C CYS A 249 8.55 1.10 13.61
N ALA A 250 7.51 1.93 13.59
CA ALA A 250 7.54 3.20 14.31
C ALA A 250 7.64 3.01 15.81
N GLU A 251 7.02 1.99 16.34
CA GLU A 251 7.13 1.73 17.79
C GLU A 251 8.53 1.28 18.17
N LEU A 252 9.19 0.48 17.34
CA LEU A 252 10.61 0.14 17.57
CA LEU A 252 10.57 0.13 17.64
C LEU A 252 11.42 1.40 17.59
N TRP A 253 11.23 2.26 16.59
CA TRP A 253 12.02 3.50 16.50
C TRP A 253 11.98 4.29 17.75
N THR A 254 10.79 4.47 18.31
CA THR A 254 10.64 5.35 19.45
C THR A 254 11.20 4.79 20.75
N ASP A 255 11.67 3.56 20.74
CA ASP A 255 12.31 3.05 21.95
C ASP A 255 13.56 3.84 22.28
N GLU A 256 14.35 4.19 21.27
CA GLU A 256 15.60 4.90 21.49
C GLU A 256 15.76 6.18 20.69
N HIS A 257 14.72 6.56 19.98
CA HIS A 257 14.77 7.77 19.14
C HIS A 257 13.52 8.61 19.39
N SER A 258 13.63 9.93 19.29
CA SER A 258 12.44 10.78 19.44
C SER A 258 11.45 10.60 18.31
N ALA A 259 10.16 10.55 18.65
CA ALA A 259 9.11 10.46 17.69
C ALA A 259 9.04 11.64 16.73
N HIS A 260 9.67 12.74 17.04
CA HIS A 260 9.68 13.87 16.11
C HIS A 260 10.62 13.68 14.97
N THR A 261 11.48 12.66 15.01
CA THR A 261 12.70 12.63 14.19
C THR A 261 12.73 11.52 13.14
N LEU A 262 11.71 10.64 13.06
CA LEU A 262 11.70 9.54 12.09
C LEU A 262 11.59 10.07 10.67
N LEU A 263 12.32 9.46 9.75
CA LEU A 263 12.10 9.68 8.31
C LEU A 263 11.51 8.40 7.74
N ALA A 264 10.54 8.52 6.85
CA ALA A 264 9.79 7.38 6.35
C ALA A 264 10.65 6.27 5.84
N HIS A 265 11.72 6.55 5.09
CA HIS A 265 12.51 5.44 4.57
C HIS A 265 13.10 4.57 5.61
N GLU A 266 13.29 5.10 6.83
CA GLU A 266 13.83 4.30 7.91
C GLU A 266 12.88 3.19 8.37
N LEU A 267 11.57 3.35 8.13
CA LEU A 267 10.63 2.29 8.38
C LEU A 267 11.00 1.01 7.64
N SER A 268 11.37 1.15 6.38
CA SER A 268 11.85 0.05 5.55
C SER A 268 13.15 -0.57 6.04
N ASP A 269 14.00 0.26 6.62
CA ASP A 269 15.32 -0.14 7.13
C ASP A 269 15.08 -0.97 8.44
N ILE A 270 14.03 -0.64 9.22
CA ILE A 270 13.69 -1.24 10.53
C ILE A 270 12.93 -2.54 10.35
N LEU A 271 12.15 -2.64 9.27
CA LEU A 271 11.28 -3.79 9.03
C LEU A 271 11.98 -5.15 9.10
N PRO A 272 13.20 -5.25 8.56
CA PRO A 272 13.85 -6.58 8.63
C PRO A 272 13.92 -7.20 10.03
N ARG A 273 14.29 -6.38 11.02
CA ARG A 273 14.42 -6.84 12.39
C ARG A 273 13.05 -6.98 13.05
N VAL A 274 12.14 -6.07 12.75
CA VAL A 274 10.81 -6.14 13.32
C VAL A 274 10.07 -7.37 12.83
N TRP A 275 10.12 -7.65 11.54
CA TRP A 275 9.43 -8.80 11.00
C TRP A 275 10.01 -10.08 11.62
N LYS A 276 11.31 -10.18 11.82
CA LYS A 276 11.90 -11.36 12.45
C LYS A 276 11.29 -11.69 13.82
N ARG A 277 10.95 -10.65 14.57
CA ARG A 277 10.37 -10.79 15.91
CA ARG A 277 10.43 -10.85 15.92
C ARG A 277 9.06 -11.55 15.91
N PHE A 278 8.37 -11.51 14.79
CA PHE A 278 7.03 -12.12 14.65
C PHE A 278 7.09 -13.46 13.95
N GLU A 279 8.30 -13.98 13.72
CA GLU A 279 8.53 -15.31 13.13
C GLU A 279 8.82 -16.35 14.20
#